data_7NOW
#
_entry.id   7NOW
#
_cell.length_a   113.800
_cell.length_b   149.810
_cell.length_c   85.090
_cell.angle_alpha   90.000
_cell.angle_beta   133.089
_cell.angle_gamma   90.000
#
_symmetry.space_group_name_H-M   'C 1 2 1'
#
loop_
_entity.id
_entity.type
_entity.pdbx_description
1 polymer 'Anti-Nup98 nanobody MS98-27'
2 polymer 'Nuclear pore complex protein Nup98'
3 non-polymer 'SODIUM ION'
4 non-polymer 'SULFATE ION'
5 water water
#
loop_
_entity_poly.entity_id
_entity_poly.type
_entity_poly.pdbx_seq_one_letter_code
_entity_poly.pdbx_strand_id
1 'polypeptide(L)'
;GQVQLVESGGGLVQAGGSLRLSCAASGRTFSTYAMGWFRQAPGKEREFVSACSWSGGITRYADSVKGRFTISRDNAKNTV
YLQMNSLKPEDTAVYYCASAASSAAYSGAYYYTSYYDYWGQGTQVTVSS
;
A,C
2 'polypeptide(L)'
;GSHPAGIILTRDSYYTIPSMEELARSVDENGECIVNGFTIGREGFGSIYFEGIVNLTNLDLDSIVHIRRKEVIVYVDDQN
KPPLGEGLNRPAQVTLDEVWPIDKTSRCMITSPERLSEMNYKSKLENASRKQGAQFVDYRPESGSWVFKVNHF
;
B,D
#
loop_
_chem_comp.id
_chem_comp.type
_chem_comp.name
_chem_comp.formula
NA non-polymer 'SODIUM ION' 'Na 1'
SO4 non-polymer 'SULFATE ION' 'O4 S -2'
#
# COMPACT_ATOMS: atom_id res chain seq x y z
N GLY A 1 -4.21 20.50 -31.86
CA GLY A 1 -5.61 20.24 -31.59
C GLY A 1 -6.18 19.07 -32.36
N GLN A 2 -5.31 18.14 -32.78
CA GLN A 2 -5.75 16.99 -33.56
C GLN A 2 -6.57 15.98 -32.73
N VAL A 3 -6.54 16.07 -31.40
CA VAL A 3 -7.44 15.32 -30.54
C VAL A 3 -8.12 16.32 -29.61
N GLN A 4 -9.42 16.18 -29.42
CA GLN A 4 -10.18 17.05 -28.53
C GLN A 4 -10.81 16.24 -27.42
N LEU A 5 -10.74 16.79 -26.20
CA LEU A 5 -11.26 16.14 -24.99
C LEU A 5 -12.25 17.05 -24.30
N VAL A 6 -13.40 16.48 -23.91
CA VAL A 6 -14.45 17.20 -23.19
C VAL A 6 -14.85 16.35 -21.99
N GLU A 7 -14.53 16.83 -20.79
CA GLU A 7 -14.88 16.10 -19.58
C GLU A 7 -16.31 16.43 -19.17
N SER A 8 -16.90 15.55 -18.37
CA SER A 8 -18.23 15.79 -17.81
C SER A 8 -18.36 14.96 -16.54
N GLY A 9 -19.44 15.23 -15.81
CA GLY A 9 -19.79 14.46 -14.64
C GLY A 9 -19.37 15.04 -13.30
N GLY A 10 -18.69 16.18 -13.30
CA GLY A 10 -18.34 16.81 -12.05
C GLY A 10 -19.57 17.23 -11.26
N GLY A 11 -19.38 17.43 -9.96
CA GLY A 11 -20.48 17.89 -9.14
C GLY A 11 -20.10 17.87 -7.67
N LEU A 12 -21.12 18.07 -6.84
CA LEU A 12 -20.97 18.10 -5.39
C LEU A 12 -21.27 16.72 -4.82
N VAL A 13 -20.39 16.24 -3.96
CA VAL A 13 -20.55 14.92 -3.37
C VAL A 13 -20.18 15.01 -1.88
N GLN A 14 -20.91 14.26 -1.06
CA GLN A 14 -20.59 14.20 0.36
C GLN A 14 -19.36 13.33 0.60
N ALA A 15 -18.60 13.69 1.63
CA ALA A 15 -17.40 12.93 2.00
C ALA A 15 -17.75 11.47 2.23
N GLY A 16 -16.94 10.58 1.64
CA GLY A 16 -17.21 9.17 1.66
C GLY A 16 -17.95 8.65 0.45
N GLY A 17 -18.62 9.54 -0.28
CA GLY A 17 -19.37 9.14 -1.46
C GLY A 17 -18.49 8.89 -2.68
N SER A 18 -19.15 8.56 -3.79
CA SER A 18 -18.48 8.24 -5.04
C SER A 18 -18.99 9.12 -6.17
N LEU A 19 -18.12 9.35 -7.14
CA LEU A 19 -18.45 10.11 -8.34
C LEU A 19 -17.65 9.54 -9.51
N ARG A 20 -18.30 9.39 -10.66
CA ARG A 20 -17.64 8.93 -11.88
C ARG A 20 -17.56 10.08 -12.87
N LEU A 21 -16.35 10.45 -13.26
CA LEU A 21 -16.14 11.43 -14.34
C LEU A 21 -16.02 10.72 -15.68
N SER A 22 -16.42 11.41 -16.75
CA SER A 22 -16.34 10.91 -18.11
C SER A 22 -15.61 11.93 -18.97
N CYS A 23 -15.09 11.46 -20.10
CA CYS A 23 -14.47 12.38 -21.05
C CYS A 23 -14.67 11.79 -22.44
N ALA A 24 -15.11 12.63 -23.37
CA ALA A 24 -15.31 12.21 -24.75
C ALA A 24 -14.13 12.70 -25.57
N ALA A 25 -13.44 11.78 -26.23
CA ALA A 25 -12.33 12.09 -27.12
C ALA A 25 -12.84 12.17 -28.55
N SER A 26 -12.34 13.16 -29.29
CA SER A 26 -12.69 13.35 -30.68
C SER A 26 -11.41 13.49 -31.50
N GLY A 27 -11.52 13.25 -32.79
CA GLY A 27 -10.41 13.49 -33.69
C GLY A 27 -9.60 12.23 -33.95
N ARG A 28 -8.26 12.36 -33.97
CA ARG A 28 -7.37 11.30 -34.38
C ARG A 28 -7.10 10.42 -33.14
N THR A 29 -8.19 9.86 -32.62
CA THR A 29 -8.12 9.19 -31.33
C THR A 29 -7.21 7.98 -31.33
N PHE A 30 -7.05 7.31 -32.47
CA PHE A 30 -6.12 6.18 -32.48
C PHE A 30 -4.67 6.62 -32.31
N SER A 31 -4.41 7.94 -32.42
CA SER A 31 -3.13 8.53 -32.00
C SER A 31 -2.71 8.31 -30.59
N THR A 32 -3.67 8.15 -29.72
CA THR A 32 -3.42 8.17 -28.30
C THR A 32 -2.58 6.96 -27.87
N TYR A 33 -1.50 7.19 -27.10
CA TYR A 33 -0.78 6.12 -26.43
C TYR A 33 -1.15 6.00 -24.96
N ALA A 34 -1.69 7.06 -24.37
CA ALA A 34 -2.02 7.07 -22.95
C ALA A 34 -3.11 8.09 -22.71
N MET A 35 -3.96 7.80 -21.72
CA MET A 35 -4.93 8.74 -21.20
C MET A 35 -4.65 8.96 -19.72
N GLY A 36 -4.84 10.20 -19.26
CA GLY A 36 -4.60 10.51 -17.87
C GLY A 36 -5.62 11.49 -17.33
N TRP A 37 -5.70 11.53 -16.00
CA TRP A 37 -6.48 12.51 -15.27
C TRP A 37 -5.55 13.30 -14.36
N PHE A 38 -5.73 14.61 -14.36
CA PHE A 38 -5.01 15.53 -13.50
C PHE A 38 -6.05 16.36 -12.76
N ARG A 39 -5.60 17.10 -11.76
CA ARG A 39 -6.52 17.93 -11.01
C ARG A 39 -5.78 19.14 -10.50
N GLN A 40 -6.53 20.22 -10.31
CA GLN A 40 -5.99 21.47 -9.81
C GLN A 40 -6.97 22.04 -8.81
N ALA A 41 -6.55 22.14 -7.58
CA ALA A 41 -7.31 22.75 -6.50
C ALA A 41 -6.97 24.23 -6.41
N PRO A 42 -7.82 25.04 -5.80
CA PRO A 42 -7.56 26.49 -5.75
C PRO A 42 -6.23 26.81 -5.09
N GLY A 43 -5.43 27.64 -5.76
CA GLY A 43 -4.16 28.09 -5.22
C GLY A 43 -3.02 27.09 -5.30
N LYS A 44 -3.27 25.87 -5.78
CA LYS A 44 -2.23 24.87 -5.92
C LYS A 44 -1.98 24.57 -7.39
N GLU A 45 -0.89 23.84 -7.64
CA GLU A 45 -0.49 23.48 -8.99
C GLU A 45 -1.28 22.27 -9.48
N ARG A 46 -1.35 22.12 -10.80
CA ARG A 46 -2.02 20.99 -11.40
C ARG A 46 -1.22 19.71 -11.12
N GLU A 47 -1.91 18.67 -10.67
CA GLU A 47 -1.21 17.49 -10.15
C GLU A 47 -1.76 16.21 -10.77
N PHE A 48 -0.87 15.23 -10.88
CA PHE A 48 -1.24 13.94 -11.44
C PHE A 48 -2.25 13.21 -10.55
N VAL A 49 -3.20 12.54 -11.20
CA VAL A 49 -4.19 11.71 -10.51
C VAL A 49 -4.10 10.26 -10.94
N SER A 50 -4.15 10.01 -12.25
CA SER A 50 -4.32 8.64 -12.75
C SER A 50 -4.00 8.62 -14.24
N ALA A 51 -3.62 7.42 -14.74
CA ALA A 51 -3.32 7.24 -16.15
C ALA A 51 -3.41 5.77 -16.52
N CYS A 52 -3.68 5.52 -17.80
CA CYS A 52 -3.59 4.17 -18.34
C CYS A 52 -3.03 4.25 -19.75
N SER A 53 -2.42 3.15 -20.19
CA SER A 53 -2.07 3.06 -21.59
C SER A 53 -3.33 2.94 -22.44
N TRP A 54 -3.17 3.18 -23.74
N TRP A 54 -3.16 3.25 -23.73
CA TRP A 54 -4.28 3.05 -24.68
CA TRP A 54 -4.20 3.02 -24.74
C TRP A 54 -4.86 1.63 -24.69
C TRP A 54 -4.86 1.66 -24.54
N SER A 55 -4.03 0.61 -24.39
CA SER A 55 -4.55 -0.75 -24.26
C SER A 55 -5.37 -0.92 -22.98
N GLY A 56 -5.20 -0.04 -22.01
CA GLY A 56 -5.77 -0.18 -20.69
C GLY A 56 -5.01 -1.16 -19.78
N GLY A 57 -3.94 -1.80 -20.29
CA GLY A 57 -3.22 -2.79 -19.51
C GLY A 57 -2.27 -2.27 -18.44
N ILE A 58 -1.71 -1.08 -18.59
CA ILE A 58 -0.86 -0.53 -17.54
C ILE A 58 -1.56 0.67 -16.90
N THR A 59 -1.52 0.74 -15.57
CA THR A 59 -2.18 1.82 -14.84
C THR A 59 -1.22 2.47 -13.86
N ARG A 60 -1.45 3.75 -13.60
CA ARG A 60 -0.68 4.51 -12.63
C ARG A 60 -1.64 5.39 -11.85
N TYR A 61 -1.40 5.51 -10.54
CA TYR A 61 -2.21 6.36 -9.67
C TYR A 61 -1.31 7.18 -8.77
N ALA A 62 -1.75 8.40 -8.45
CA ALA A 62 -1.10 9.15 -7.38
C ALA A 62 -1.28 8.40 -6.07
N ASP A 63 -0.26 8.50 -5.20
CA ASP A 63 -0.35 7.82 -3.90
C ASP A 63 -1.61 8.21 -3.15
N SER A 64 -2.04 9.47 -3.28
CA SER A 64 -3.19 9.97 -2.54
C SER A 64 -4.50 9.30 -2.93
N VAL A 65 -4.56 8.66 -4.10
CA VAL A 65 -5.81 8.10 -4.61
C VAL A 65 -5.72 6.61 -4.87
N LYS A 66 -4.52 6.01 -4.78
CA LYS A 66 -4.33 4.56 -4.86
C LYS A 66 -5.46 3.83 -4.14
N GLY A 67 -6.10 2.89 -4.84
CA GLY A 67 -7.12 2.06 -4.23
C GLY A 67 -8.46 2.72 -3.99
N ARG A 68 -8.58 4.03 -4.21
CA ARG A 68 -9.88 4.70 -4.13
C ARG A 68 -10.43 5.09 -5.49
N PHE A 69 -9.54 5.40 -6.44
CA PHE A 69 -9.89 5.84 -7.79
C PHE A 69 -9.55 4.74 -8.78
N THR A 70 -10.33 4.66 -9.87
CA THR A 70 -10.05 3.69 -10.92
C THR A 70 -10.26 4.38 -12.26
N ILE A 71 -9.23 4.41 -13.10
CA ILE A 71 -9.35 4.93 -14.45
C ILE A 71 -9.76 3.79 -15.36
N SER A 72 -10.51 4.09 -16.40
CA SER A 72 -10.84 3.07 -17.40
C SER A 72 -11.14 3.83 -18.68
N ARG A 73 -11.26 3.08 -19.77
CA ARG A 73 -11.58 3.74 -21.04
C ARG A 73 -12.38 2.75 -21.89
N ASP A 74 -13.25 3.31 -22.73
CA ASP A 74 -14.08 2.52 -23.62
C ASP A 74 -13.69 2.94 -25.03
N ASN A 75 -12.98 2.06 -25.74
CA ASN A 75 -12.48 2.41 -27.07
C ASN A 75 -13.49 2.16 -28.17
N ALA A 76 -14.63 1.55 -27.85
CA ALA A 76 -15.75 1.56 -28.77
C ALA A 76 -16.34 2.96 -28.86
N LYS A 77 -16.46 3.63 -27.72
CA LYS A 77 -17.08 4.93 -27.59
C LYS A 77 -16.09 6.08 -27.59
N ASN A 78 -14.79 5.81 -27.54
CA ASN A 78 -13.79 6.86 -27.42
C ASN A 78 -14.08 7.74 -26.20
N THR A 79 -14.31 7.07 -25.06
CA THR A 79 -14.54 7.74 -23.79
C THR A 79 -13.55 7.24 -22.74
N VAL A 80 -13.23 8.12 -21.81
CA VAL A 80 -12.32 7.84 -20.70
C VAL A 80 -13.09 8.12 -19.42
N TYR A 81 -12.86 7.31 -18.37
CA TYR A 81 -13.60 7.44 -17.12
C TYR A 81 -12.65 7.51 -15.93
N LEU A 82 -13.13 8.15 -14.86
CA LEU A 82 -12.45 8.13 -13.57
C LEU A 82 -13.48 7.83 -12.50
N GLN A 83 -13.47 6.62 -11.96
CA GLN A 83 -14.34 6.29 -10.84
C GLN A 83 -13.64 6.73 -9.56
N MET A 84 -14.29 7.62 -8.80
CA MET A 84 -13.70 8.19 -7.58
C MET A 84 -14.51 7.71 -6.38
N ASN A 85 -13.89 6.91 -5.52
CA ASN A 85 -14.57 6.36 -4.37
C ASN A 85 -13.97 6.89 -3.07
N SER A 86 -14.73 6.74 -2.00
CA SER A 86 -14.33 7.21 -0.66
C SER A 86 -13.76 8.61 -0.73
N LEU A 87 -14.54 9.52 -1.31
CA LEU A 87 -14.06 10.88 -1.56
C LEU A 87 -13.83 11.65 -0.26
N LYS A 88 -12.82 12.49 -0.28
CA LYS A 88 -12.47 13.34 0.85
C LYS A 88 -12.46 14.81 0.40
N PRO A 89 -12.63 15.74 1.33
CA PRO A 89 -12.59 17.16 0.95
C PRO A 89 -11.30 17.57 0.24
N GLU A 90 -10.18 16.91 0.52
CA GLU A 90 -8.92 17.18 -0.18
C GLU A 90 -8.98 16.80 -1.66
N ASP A 91 -10.01 16.08 -2.08
CA ASP A 91 -10.20 15.74 -3.48
C ASP A 91 -10.93 16.84 -4.26
N THR A 92 -11.34 17.91 -3.59
CA THR A 92 -12.01 19.02 -4.28
C THR A 92 -11.02 19.68 -5.22
N ALA A 93 -11.37 19.75 -6.51
CA ALA A 93 -10.49 20.34 -7.53
C ALA A 93 -11.24 20.38 -8.84
N VAL A 94 -10.68 21.11 -9.80
CA VAL A 94 -11.03 20.90 -11.21
C VAL A 94 -10.24 19.72 -11.72
N TYR A 95 -10.94 18.76 -12.33
CA TYR A 95 -10.32 17.57 -12.87
C TYR A 95 -10.22 17.66 -14.39
N TYR A 96 -9.02 17.41 -14.91
CA TYR A 96 -8.75 17.47 -16.34
C TYR A 96 -8.37 16.09 -16.85
N CYS A 97 -8.85 15.74 -18.02
CA CYS A 97 -8.44 14.54 -18.72
C CYS A 97 -7.48 14.96 -19.83
N ALA A 98 -6.47 14.14 -20.07
CA ALA A 98 -5.41 14.46 -21.01
C ALA A 98 -5.02 13.22 -21.81
N SER A 99 -4.46 13.44 -23.01
CA SER A 99 -4.01 12.31 -23.81
C SER A 99 -2.61 12.56 -24.36
N ALA A 100 -1.83 11.48 -24.44
CA ALA A 100 -0.44 11.52 -24.92
C ALA A 100 -0.37 10.86 -26.29
N ALA A 101 0.24 11.55 -27.25
CA ALA A 101 0.33 11.07 -28.62
C ALA A 101 1.66 10.39 -28.92
N SER A 102 2.51 10.20 -27.92
CA SER A 102 3.75 9.47 -28.08
C SER A 102 3.84 8.39 -27.01
N SER A 103 4.63 7.35 -27.28
CA SER A 103 4.70 6.21 -26.37
C SER A 103 5.59 6.52 -25.17
N ALA A 104 5.25 5.89 -24.06
CA ALA A 104 6.01 5.99 -22.81
C ALA A 104 7.23 5.08 -22.91
N ALA A 105 8.42 5.67 -22.99
CA ALA A 105 9.64 4.87 -23.03
C ALA A 105 9.84 4.09 -21.72
N TYR A 106 9.36 4.64 -20.61
CA TYR A 106 9.45 3.97 -19.32
C TYR A 106 8.17 4.27 -18.56
N SER A 107 7.80 3.38 -17.65
CA SER A 107 6.47 3.47 -17.07
C SER A 107 6.33 4.65 -16.10
N GLY A 108 7.40 5.37 -15.79
CA GLY A 108 7.22 6.58 -15.01
C GLY A 108 6.79 7.79 -15.82
N ALA A 109 6.77 7.68 -17.15
CA ALA A 109 6.46 8.85 -17.96
C ALA A 109 5.06 9.38 -17.67
N TYR A 110 4.16 8.49 -17.25
CA TYR A 110 2.74 8.82 -17.13
C TYR A 110 2.47 9.90 -16.11
N TYR A 111 3.39 10.12 -15.14
CA TYR A 111 3.17 11.05 -14.05
C TYR A 111 3.33 12.51 -14.45
N TYR A 112 3.96 12.80 -15.58
CA TYR A 112 4.42 14.13 -15.92
C TYR A 112 3.43 14.86 -16.82
N THR A 113 3.07 16.10 -16.44
CA THR A 113 2.14 16.85 -17.29
C THR A 113 2.71 17.07 -18.69
N SER A 114 4.04 17.26 -18.78
CA SER A 114 4.69 17.49 -20.07
C SER A 114 4.53 16.31 -21.02
N TYR A 115 4.29 15.10 -20.49
CA TYR A 115 4.13 13.92 -21.34
C TYR A 115 2.86 14.00 -22.19
N TYR A 116 1.84 14.70 -21.69
CA TYR A 116 0.54 14.73 -22.36
C TYR A 116 0.50 15.87 -23.37
N ASP A 117 -0.21 15.63 -24.47
CA ASP A 117 -0.26 16.59 -25.56
C ASP A 117 -1.59 17.30 -25.71
N TYR A 118 -2.70 16.69 -25.31
CA TYR A 118 -4.01 17.30 -25.47
C TYR A 118 -4.73 17.29 -24.14
N TRP A 119 -5.52 18.34 -23.91
CA TRP A 119 -6.12 18.56 -22.60
C TRP A 119 -7.58 18.96 -22.76
N GLY A 120 -8.42 18.47 -21.87
CA GLY A 120 -9.77 18.97 -21.78
C GLY A 120 -9.83 20.31 -21.06
N GLN A 121 -11.04 20.83 -20.93
CA GLN A 121 -11.23 22.09 -20.23
C GLN A 121 -11.47 21.92 -18.74
N GLY A 122 -11.75 20.71 -18.28
CA GLY A 122 -11.88 20.48 -16.86
C GLY A 122 -13.33 20.41 -16.42
N THR A 123 -13.57 19.65 -15.36
CA THR A 123 -14.87 19.57 -14.72
C THR A 123 -14.68 19.62 -13.21
N GLN A 124 -15.57 20.32 -12.54
CA GLN A 124 -15.38 20.66 -11.13
C GLN A 124 -15.94 19.58 -10.23
N VAL A 125 -15.11 19.11 -9.30
CA VAL A 125 -15.53 18.19 -8.25
C VAL A 125 -15.41 18.90 -6.92
N THR A 126 -16.48 18.87 -6.13
CA THR A 126 -16.51 19.50 -4.82
C THR A 126 -16.98 18.47 -3.80
N VAL A 127 -16.15 18.15 -2.84
CA VAL A 127 -16.49 17.19 -1.80
C VAL A 127 -16.78 17.95 -0.52
N SER A 128 -18.01 17.83 -0.02
CA SER A 128 -18.40 18.47 1.22
C SER A 128 -17.96 17.64 2.41
N SER A 129 -17.79 18.29 3.54
CA SER A 129 -17.53 17.56 4.77
C SER A 129 -18.81 16.84 5.18
N GLY B 1 12.61 -26.38 -4.56
CA GLY B 1 13.98 -26.00 -4.83
C GLY B 1 14.13 -24.89 -5.84
N SER B 2 13.67 -23.69 -5.49
CA SER B 2 13.78 -22.53 -6.36
C SER B 2 15.05 -21.76 -6.00
N HIS B 3 15.11 -20.48 -6.40
CA HIS B 3 16.31 -19.69 -6.22
C HIS B 3 16.47 -19.29 -4.76
N PRO B 4 17.69 -19.33 -4.23
CA PRO B 4 17.89 -19.07 -2.79
C PRO B 4 17.54 -17.65 -2.36
N ALA B 5 17.66 -16.67 -3.25
CA ALA B 5 17.24 -15.32 -2.93
C ALA B 5 15.73 -15.13 -3.12
N GLY B 6 15.02 -16.17 -3.53
CA GLY B 6 13.61 -16.04 -3.88
C GLY B 6 13.32 -15.27 -5.14
N ILE B 7 14.33 -14.99 -5.96
CA ILE B 7 14.15 -14.20 -7.18
C ILE B 7 13.59 -15.09 -8.29
N ILE B 8 12.58 -14.60 -8.99
CA ILE B 8 11.94 -15.33 -10.08
C ILE B 8 12.34 -14.68 -11.39
N LEU B 9 13.12 -15.40 -12.22
CA LEU B 9 13.40 -14.94 -13.58
C LEU B 9 13.56 -16.18 -14.46
N THR B 10 12.46 -16.58 -15.11
CA THR B 10 12.46 -17.76 -15.98
C THR B 10 12.64 -17.42 -17.46
N ARG B 11 12.44 -16.17 -17.84
CA ARG B 11 12.41 -15.82 -19.26
C ARG B 11 13.82 -15.86 -19.83
N ASP B 12 14.01 -16.70 -20.86
CA ASP B 12 15.36 -17.02 -21.33
C ASP B 12 16.05 -15.84 -22.01
N SER B 13 15.28 -14.89 -22.56
CA SER B 13 15.89 -13.71 -23.16
C SER B 13 16.39 -12.71 -22.12
N TYR B 14 15.98 -12.83 -20.86
CA TYR B 14 16.41 -11.88 -19.85
C TYR B 14 17.69 -12.36 -19.15
N TYR B 15 18.40 -11.40 -18.56
CA TYR B 15 19.61 -11.69 -17.79
C TYR B 15 19.73 -10.66 -16.68
N THR B 16 20.57 -10.95 -15.68
CA THR B 16 20.86 -9.97 -14.65
C THR B 16 22.38 -9.80 -14.50
N ILE B 17 22.76 -8.65 -13.95
CA ILE B 17 24.11 -8.42 -13.51
C ILE B 17 23.96 -7.87 -12.04
N PRO B 18 24.48 -8.60 -11.04
CA PRO B 18 25.12 -9.92 -11.10
C PRO B 18 24.18 -10.97 -11.68
N SER B 19 24.76 -11.99 -12.31
CA SER B 19 23.96 -13.07 -12.87
C SER B 19 23.10 -13.72 -11.81
N MET B 20 21.99 -14.34 -12.25
CA MET B 20 21.13 -15.06 -11.32
C MET B 20 21.90 -16.09 -10.52
N GLU B 21 22.96 -16.65 -11.12
CA GLU B 21 23.77 -17.65 -10.45
C GLU B 21 24.65 -17.01 -9.37
N GLU B 22 25.15 -15.79 -9.62
CA GLU B 22 25.88 -15.09 -8.56
C GLU B 22 24.95 -14.66 -7.43
N LEU B 23 23.76 -14.16 -7.80
CA LEU B 23 22.77 -13.75 -6.80
C LEU B 23 22.41 -14.88 -5.87
N ALA B 24 22.37 -16.12 -6.40
CA ALA B 24 22.15 -17.28 -5.55
C ALA B 24 23.20 -17.37 -4.45
N ARG B 25 24.40 -16.82 -4.67
CA ARG B 25 25.48 -16.88 -3.69
C ARG B 25 25.65 -15.58 -2.91
N SER B 26 24.70 -14.64 -3.03
CA SER B 26 24.80 -13.32 -2.43
C SER B 26 23.71 -13.09 -1.39
N VAL B 27 23.34 -14.13 -0.66
CA VAL B 27 22.26 -14.10 0.32
C VAL B 27 22.89 -14.12 1.72
N ASP B 28 22.43 -13.22 2.59
CA ASP B 28 23.02 -13.10 3.91
C ASP B 28 22.39 -14.13 4.84
N GLU B 29 22.84 -14.15 6.11
CA GLU B 29 22.38 -15.20 7.02
C GLU B 29 20.88 -15.12 7.31
N ASN B 30 20.22 -14.03 6.95
CA ASN B 30 18.77 -13.90 7.15
C ASN B 30 17.98 -14.12 5.87
N GLY B 31 18.61 -14.57 4.81
CA GLY B 31 17.92 -14.79 3.56
C GLY B 31 17.83 -13.59 2.64
N GLU B 32 18.42 -12.45 3.01
CA GLU B 32 18.30 -11.24 2.19
C GLU B 32 19.39 -11.19 1.13
N CYS B 33 19.01 -10.79 -0.08
CA CYS B 33 19.93 -10.63 -1.20
C CYS B 33 20.10 -9.14 -1.47
N ILE B 34 21.28 -8.61 -1.15
CA ILE B 34 21.54 -7.18 -1.19
C ILE B 34 22.79 -6.95 -2.05
N VAL B 35 22.66 -6.16 -3.12
CA VAL B 35 23.78 -5.94 -4.01
C VAL B 35 24.01 -4.44 -4.18
N ASN B 36 25.24 -4.11 -4.57
CA ASN B 36 25.65 -2.74 -4.88
C ASN B 36 25.63 -2.62 -6.40
N GLY B 37 24.53 -2.14 -6.95
CA GLY B 37 24.37 -2.03 -8.40
C GLY B 37 23.71 -3.26 -8.98
N PHE B 38 22.67 -3.07 -9.78
CA PHE B 38 21.91 -4.20 -10.31
C PHE B 38 21.42 -3.87 -11.71
N THR B 39 21.69 -4.75 -12.66
CA THR B 39 21.20 -4.60 -14.02
C THR B 39 20.29 -5.76 -14.36
N ILE B 40 19.14 -5.46 -14.99
CA ILE B 40 18.31 -6.46 -15.64
C ILE B 40 18.13 -6.04 -17.09
N GLY B 41 18.35 -6.97 -18.00
CA GLY B 41 18.25 -6.68 -19.42
C GLY B 41 17.58 -7.81 -20.16
N ARG B 42 17.34 -7.58 -21.45
CA ARG B 42 16.75 -8.57 -22.34
C ARG B 42 17.49 -8.45 -23.66
N GLU B 43 18.13 -9.55 -24.09
CA GLU B 43 18.98 -9.46 -25.28
C GLU B 43 18.15 -9.03 -26.48
N GLY B 44 18.75 -8.18 -27.31
CA GLY B 44 18.06 -7.63 -28.47
C GLY B 44 17.14 -6.46 -28.18
N PHE B 45 16.86 -6.14 -26.90
CA PHE B 45 15.84 -5.17 -26.56
C PHE B 45 16.35 -4.00 -25.73
N GLY B 46 17.08 -4.24 -24.65
CA GLY B 46 17.56 -3.16 -23.81
C GLY B 46 17.91 -3.62 -22.41
N SER B 47 18.13 -2.65 -21.54
CA SER B 47 18.54 -3.00 -20.18
C SER B 47 18.29 -1.82 -19.24
N ILE B 48 18.21 -2.14 -17.95
CA ILE B 48 17.95 -1.16 -16.90
C ILE B 48 19.01 -1.36 -15.83
N TYR B 49 19.77 -0.32 -15.53
CA TYR B 49 20.81 -0.37 -14.53
C TYR B 49 20.40 0.47 -13.32
N PHE B 50 20.35 -0.15 -12.15
CA PHE B 50 20.01 0.50 -10.90
C PHE B 50 21.29 0.70 -10.09
N GLU B 51 21.70 1.94 -9.91
CA GLU B 51 22.88 2.25 -9.11
C GLU B 51 22.56 2.12 -7.62
N GLY B 52 23.59 1.88 -6.82
CA GLY B 52 23.42 1.90 -5.37
C GLY B 52 22.97 0.58 -4.78
N ILE B 53 22.66 0.63 -3.48
CA ILE B 53 22.34 -0.58 -2.73
C ILE B 53 20.91 -0.98 -3.02
N VAL B 54 20.73 -2.19 -3.56
CA VAL B 54 19.43 -2.69 -3.99
C VAL B 54 19.15 -4.00 -3.27
N ASN B 55 17.96 -4.11 -2.69
CA ASN B 55 17.52 -5.35 -2.04
C ASN B 55 16.64 -6.12 -3.02
N LEU B 56 17.12 -7.29 -3.44
CA LEU B 56 16.44 -8.06 -4.48
C LEU B 56 15.62 -9.21 -3.94
N THR B 57 15.60 -9.41 -2.61
CA THR B 57 14.98 -10.58 -2.01
C THR B 57 13.53 -10.75 -2.47
N ASN B 58 13.22 -11.96 -2.95
CA ASN B 58 11.86 -12.36 -3.36
C ASN B 58 11.28 -11.50 -4.48
N LEU B 59 12.11 -10.82 -5.27
CA LEU B 59 11.58 -10.08 -6.41
C LEU B 59 11.12 -11.05 -7.50
N ASP B 60 9.84 -11.00 -7.82
CA ASP B 60 9.30 -11.67 -9.00
C ASP B 60 9.62 -10.81 -10.23
N LEU B 61 10.87 -10.93 -10.70
CA LEU B 61 11.30 -10.13 -11.85
C LEU B 61 10.49 -10.48 -13.09
N ASP B 62 10.00 -11.73 -13.18
CA ASP B 62 9.13 -12.10 -14.29
C ASP B 62 7.84 -11.27 -14.29
N SER B 63 7.27 -10.99 -13.11
CA SER B 63 6.07 -10.16 -13.04
C SER B 63 6.38 -8.67 -13.18
N ILE B 64 7.51 -8.22 -12.65
CA ILE B 64 7.77 -6.80 -12.44
C ILE B 64 8.31 -6.14 -13.70
N VAL B 65 9.29 -6.75 -14.35
CA VAL B 65 10.10 -6.08 -15.37
C VAL B 65 9.71 -6.61 -16.75
N HIS B 66 9.34 -5.69 -17.64
CA HIS B 66 9.05 -6.03 -19.03
C HIS B 66 9.80 -5.04 -19.91
N ILE B 67 10.78 -5.55 -20.64
CA ILE B 67 11.57 -4.76 -21.59
C ILE B 67 11.12 -5.17 -22.99
N ARG B 68 10.40 -4.29 -23.66
CA ARG B 68 9.85 -4.55 -24.99
C ARG B 68 10.48 -3.55 -25.97
N ARG B 69 10.12 -3.65 -27.25
CA ARG B 69 10.72 -2.74 -28.23
C ARG B 69 10.39 -1.30 -27.89
N LYS B 70 11.45 -0.49 -27.67
CA LYS B 70 11.35 0.93 -27.34
C LYS B 70 10.49 1.20 -26.11
N GLU B 71 10.42 0.26 -25.16
CA GLU B 71 9.60 0.49 -23.98
C GLU B 71 10.06 -0.40 -22.83
N VAL B 72 10.12 0.17 -21.63
CA VAL B 72 10.30 -0.62 -20.42
C VAL B 72 9.15 -0.30 -19.47
N ILE B 73 8.66 -1.35 -18.81
CA ILE B 73 7.69 -1.25 -17.74
C ILE B 73 8.28 -1.95 -16.53
N VAL B 74 8.29 -1.25 -15.39
CA VAL B 74 8.73 -1.80 -14.12
C VAL B 74 7.56 -1.64 -13.18
N TYR B 75 6.90 -2.76 -12.87
CA TYR B 75 5.61 -2.86 -12.17
C TYR B 75 4.48 -2.52 -13.12
N VAL B 76 3.69 -3.53 -13.49
CA VAL B 76 2.60 -3.38 -14.46
C VAL B 76 1.41 -2.74 -13.77
N ASP B 77 0.83 -3.47 -12.83
CA ASP B 77 -0.30 -2.97 -12.08
C ASP B 77 0.22 -2.06 -10.97
N ASP B 78 -0.42 -0.91 -10.78
CA ASP B 78 0.14 0.11 -9.91
C ASP B 78 0.19 -0.33 -8.45
N GLN B 79 -0.78 -1.13 -8.01
CA GLN B 79 -0.85 -1.53 -6.61
C GLN B 79 0.33 -2.40 -6.18
N ASN B 80 1.03 -3.03 -7.13
CA ASN B 80 2.21 -3.83 -6.82
C ASN B 80 3.49 -3.00 -6.75
N LYS B 81 3.41 -1.69 -6.97
CA LYS B 81 4.61 -0.85 -6.98
C LYS B 81 4.90 -0.33 -5.58
N PRO B 82 6.10 -0.57 -5.04
CA PRO B 82 6.43 -0.09 -3.69
C PRO B 82 6.72 1.39 -3.69
N PRO B 83 6.89 2.00 -2.51
CA PRO B 83 7.20 3.43 -2.45
C PRO B 83 8.54 3.74 -3.11
N LEU B 84 8.73 5.02 -3.42
CA LEU B 84 9.94 5.48 -4.07
C LEU B 84 11.18 5.08 -3.25
N GLY B 85 12.16 4.47 -3.92
CA GLY B 85 13.36 4.01 -3.27
C GLY B 85 13.35 2.53 -2.92
N GLU B 86 12.19 1.90 -2.89
CA GLU B 86 12.06 0.50 -2.52
C GLU B 86 11.90 -0.37 -3.77
N GLY B 87 12.30 -1.63 -3.63
CA GLY B 87 12.30 -2.54 -4.76
C GLY B 87 12.99 -1.90 -5.95
N LEU B 88 12.34 -1.98 -7.12
CA LEU B 88 12.91 -1.38 -8.32
C LEU B 88 12.28 -0.04 -8.67
N ASN B 89 11.45 0.52 -7.78
CA ASN B 89 10.86 1.84 -8.02
C ASN B 89 11.82 2.91 -7.50
N ARG B 90 12.86 3.16 -8.29
CA ARG B 90 13.98 3.98 -7.83
C ARG B 90 14.75 4.47 -9.05
N PRO B 91 15.70 5.40 -8.87
CA PRO B 91 16.46 5.90 -10.02
C PRO B 91 17.18 4.77 -10.77
N ALA B 92 17.27 4.93 -12.10
CA ALA B 92 17.86 3.92 -12.95
C ALA B 92 18.28 4.55 -14.26
N GLN B 93 19.15 3.84 -14.97
CA GLN B 93 19.56 4.23 -16.31
C GLN B 93 19.00 3.22 -17.30
N VAL B 94 18.13 3.68 -18.18
CA VAL B 94 17.44 2.82 -19.15
C VAL B 94 18.18 2.90 -20.47
N THR B 95 18.44 1.74 -21.08
CA THR B 95 18.99 1.64 -22.43
C THR B 95 17.99 0.87 -23.27
N LEU B 96 17.52 1.48 -24.36
CA LEU B 96 16.63 0.83 -25.31
C LEU B 96 17.30 0.78 -26.68
N ASP B 97 17.30 -0.41 -27.29
CA ASP B 97 17.97 -0.63 -28.57
C ASP B 97 16.97 -0.55 -29.72
N GLU B 98 17.52 -0.32 -30.92
CA GLU B 98 16.76 -0.24 -32.17
C GLU B 98 15.76 0.92 -32.15
N VAL B 99 16.16 2.02 -31.54
CA VAL B 99 15.34 3.23 -31.49
C VAL B 99 15.77 4.08 -32.67
N TRP B 100 15.01 4.03 -33.75
CA TRP B 100 15.32 4.70 -35.00
C TRP B 100 14.06 5.37 -35.52
N PRO B 101 14.19 6.50 -36.21
CA PRO B 101 13.00 7.15 -36.77
C PRO B 101 12.41 6.33 -37.92
N ILE B 102 11.09 6.33 -37.99
CA ILE B 102 10.35 5.64 -39.03
C ILE B 102 9.97 6.68 -40.09
N ASP B 103 10.18 6.33 -41.34
CA ASP B 103 9.61 7.10 -42.44
C ASP B 103 8.23 6.51 -42.69
N LYS B 104 7.20 7.21 -42.23
CA LYS B 104 5.87 6.67 -42.36
C LYS B 104 5.36 6.79 -43.77
N THR B 105 6.07 7.51 -44.62
CA THR B 105 5.66 7.48 -45.99
C THR B 105 6.37 6.36 -46.75
N SER B 106 7.63 6.09 -46.45
CA SER B 106 8.31 4.97 -47.11
C SER B 106 8.18 3.66 -46.35
N ARG B 107 7.47 3.69 -45.21
CA ARG B 107 7.40 2.54 -44.25
C ARG B 107 8.68 1.72 -44.15
N CYS B 108 9.78 2.38 -43.85
CA CYS B 108 11.03 1.75 -43.48
C CYS B 108 11.66 2.73 -42.52
N MET B 109 12.66 2.26 -41.80
CA MET B 109 13.33 3.06 -40.79
C MET B 109 14.62 3.60 -41.36
N ILE B 110 15.02 4.73 -40.81
CA ILE B 110 16.29 5.37 -41.11
C ILE B 110 17.25 5.00 -40.00
N THR B 111 18.29 4.24 -40.34
CA THR B 111 19.19 3.66 -39.36
C THR B 111 20.65 4.01 -39.58
N SER B 112 20.99 4.72 -40.65
CA SER B 112 22.39 5.02 -40.87
C SER B 112 22.80 6.20 -40.00
N PRO B 113 23.96 6.13 -39.34
CA PRO B 113 24.44 7.28 -38.57
C PRO B 113 24.52 8.56 -39.40
N GLU B 114 24.91 8.43 -40.67
CA GLU B 114 24.96 9.59 -41.55
C GLU B 114 23.61 10.30 -41.61
N ARG B 115 22.55 9.55 -41.89
CA ARG B 115 21.22 10.14 -41.99
C ARG B 115 20.70 10.58 -40.63
N LEU B 116 20.97 9.80 -39.58
CA LEU B 116 20.52 10.18 -38.25
C LEU B 116 21.13 11.52 -37.84
N SER B 117 22.39 11.75 -38.22
CA SER B 117 23.00 13.04 -37.94
C SER B 117 22.46 14.12 -38.88
N GLU B 118 22.24 13.76 -40.15
CA GLU B 118 21.70 14.72 -41.11
C GLU B 118 20.34 15.25 -40.66
N MET B 119 19.53 14.42 -40.00
CA MET B 119 18.21 14.83 -39.56
C MET B 119 18.18 15.21 -38.08
N ASN B 120 19.35 15.28 -37.43
CA ASN B 120 19.48 15.59 -36.00
C ASN B 120 18.50 14.76 -35.15
N TYR B 121 18.51 13.45 -35.37
CA TYR B 121 17.64 12.59 -34.60
C TYR B 121 17.94 12.67 -33.12
N LYS B 122 19.23 12.82 -32.76
CA LYS B 122 19.62 12.88 -31.35
C LYS B 122 18.84 13.92 -30.58
N SER B 123 18.57 15.08 -31.21
CA SER B 123 17.86 16.14 -30.50
C SER B 123 16.39 15.78 -30.29
N LYS B 124 15.82 14.96 -31.17
CA LYS B 124 14.47 14.44 -30.91
C LYS B 124 14.46 13.58 -29.64
N LEU B 125 15.48 12.74 -29.48
CA LEU B 125 15.53 11.89 -28.30
C LEU B 125 15.81 12.69 -27.04
N GLU B 126 16.58 13.77 -27.16
CA GLU B 126 16.80 14.68 -26.03
C GLU B 126 15.47 15.29 -25.58
N ASN B 127 14.70 15.84 -26.52
CA ASN B 127 13.40 16.42 -26.17
C ASN B 127 12.43 15.38 -25.65
N ALA B 128 12.44 14.17 -26.23
CA ALA B 128 11.51 13.14 -25.77
C ALA B 128 11.85 12.70 -24.35
N SER B 129 13.14 12.62 -24.03
CA SER B 129 13.55 12.28 -22.67
C SER B 129 13.01 13.30 -21.67
N ARG B 130 13.25 14.58 -21.95
CA ARG B 130 12.77 15.65 -21.09
C ARG B 130 11.25 15.63 -20.99
N LYS B 131 10.56 15.40 -22.11
CA LYS B 131 9.10 15.40 -22.13
C LYS B 131 8.54 14.36 -21.16
N GLN B 132 9.23 13.23 -21.02
CA GLN B 132 8.77 12.13 -20.19
C GLN B 132 9.38 12.16 -18.79
N GLY B 133 9.97 13.28 -18.38
CA GLY B 133 10.52 13.40 -17.04
C GLY B 133 11.87 12.77 -16.83
N ALA B 134 12.59 12.42 -17.88
CA ALA B 134 13.87 11.75 -17.78
C ALA B 134 14.98 12.68 -18.23
N GLN B 135 16.20 12.21 -18.07
CA GLN B 135 17.39 12.96 -18.50
C GLN B 135 18.08 12.19 -19.62
N PHE B 136 18.18 12.81 -20.79
CA PHE B 136 18.90 12.17 -21.89
C PHE B 136 20.36 11.94 -21.49
N VAL B 137 20.90 10.77 -21.81
CA VAL B 137 22.29 10.44 -21.51
C VAL B 137 23.12 10.26 -22.78
N ASP B 138 22.65 9.40 -23.70
CA ASP B 138 23.44 9.12 -24.89
C ASP B 138 22.53 8.54 -25.97
N TYR B 139 23.03 8.57 -27.20
CA TYR B 139 22.41 7.83 -28.31
C TYR B 139 23.52 7.20 -29.12
N ARG B 140 23.47 5.89 -29.29
CA ARG B 140 24.44 5.22 -30.15
C ARG B 140 23.72 4.85 -31.44
N PRO B 141 23.97 5.57 -32.55
CA PRO B 141 23.11 5.40 -33.73
C PRO B 141 23.21 4.02 -34.39
N GLU B 142 24.39 3.39 -34.38
CA GLU B 142 24.57 2.13 -35.09
C GLU B 142 23.59 1.06 -34.62
N SER B 143 23.42 0.96 -33.31
CA SER B 143 22.49 0.03 -32.69
C SER B 143 21.18 0.68 -32.32
N GLY B 144 21.01 1.97 -32.63
CA GLY B 144 19.84 2.72 -32.15
C GLY B 144 19.66 2.68 -30.64
N SER B 145 20.75 2.80 -29.88
CA SER B 145 20.69 2.61 -28.44
C SER B 145 20.45 3.94 -27.75
N TRP B 146 19.23 4.15 -27.28
CA TRP B 146 18.85 5.36 -26.55
C TRP B 146 19.08 5.10 -25.07
N VAL B 147 19.91 5.93 -24.43
CA VAL B 147 20.19 5.82 -23.00
C VAL B 147 19.66 7.07 -22.31
N PHE B 148 18.93 6.89 -21.20
CA PHE B 148 18.41 8.02 -20.46
C PHE B 148 18.26 7.61 -19.01
N LYS B 149 18.27 8.60 -18.13
CA LYS B 149 18.20 8.35 -16.69
C LYS B 149 16.81 8.75 -16.19
N VAL B 150 16.25 7.93 -15.31
CA VAL B 150 14.94 8.16 -14.73
C VAL B 150 15.09 8.18 -13.21
N ASN B 151 14.14 8.85 -12.55
CA ASN B 151 14.13 8.96 -11.10
C ASN B 151 13.25 7.94 -10.39
N HIS B 152 12.45 7.18 -11.14
CA HIS B 152 11.43 6.29 -10.59
C HIS B 152 10.77 5.58 -11.76
N PHE B 153 9.86 4.65 -11.48
CA PHE B 153 9.08 4.05 -12.54
C PHE B 153 7.58 4.21 -12.27
N GLN C 2 11.88 -11.35 37.97
CA GLN C 2 10.71 -10.92 37.20
C GLN C 2 11.05 -10.73 35.71
N VAL C 3 10.14 -10.09 34.98
CA VAL C 3 10.26 -9.99 33.53
C VAL C 3 11.47 -9.13 33.18
N GLN C 4 12.19 -9.54 32.13
CA GLN C 4 13.26 -8.72 31.60
C GLN C 4 13.34 -8.94 30.10
N LEU C 5 13.36 -7.83 29.35
CA LEU C 5 13.52 -7.83 27.91
C LEU C 5 14.89 -7.29 27.57
N VAL C 6 15.66 -8.03 26.80
CA VAL C 6 16.99 -7.59 26.37
C VAL C 6 17.02 -7.62 24.85
N GLU C 7 17.10 -6.45 24.24
CA GLU C 7 17.22 -6.33 22.80
C GLU C 7 18.68 -6.51 22.37
N SER C 8 18.87 -7.16 21.23
CA SER C 8 20.20 -7.33 20.66
C SER C 8 20.10 -7.23 19.14
N GLY C 9 21.26 -7.12 18.49
CA GLY C 9 21.32 -7.05 17.04
C GLY C 9 21.42 -5.66 16.45
N GLY C 10 21.37 -4.61 17.28
CA GLY C 10 21.51 -3.27 16.79
C GLY C 10 22.96 -2.89 16.52
N GLY C 11 23.12 -1.78 15.82
CA GLY C 11 24.46 -1.34 15.46
C GLY C 11 24.43 -0.42 14.25
N LEU C 12 25.56 -0.35 13.58
CA LEU C 12 25.79 0.52 12.43
C LEU C 12 25.52 -0.23 11.14
N VAL C 13 24.75 0.37 10.24
CA VAL C 13 24.42 -0.22 8.96
C VAL C 13 24.31 0.89 7.92
N GLN C 14 24.66 0.58 6.67
CA GLN C 14 24.61 1.59 5.63
C GLN C 14 23.23 1.62 4.99
N ALA C 15 22.87 2.79 4.47
CA ALA C 15 21.56 2.97 3.85
C ALA C 15 21.30 1.90 2.80
N GLY C 16 20.07 1.41 2.77
CA GLY C 16 19.71 0.32 1.89
C GLY C 16 20.05 -1.06 2.42
N GLY C 17 20.85 -1.15 3.49
CA GLY C 17 21.18 -2.43 4.07
C GLY C 17 20.14 -2.92 5.06
N SER C 18 20.43 -4.07 5.66
CA SER C 18 19.48 -4.75 6.52
C SER C 18 20.09 -5.01 7.89
N LEU C 19 19.23 -5.04 8.89
CA LEU C 19 19.61 -5.39 10.26
C LEU C 19 18.50 -6.25 10.84
N ARG C 20 18.86 -7.24 11.66
CA ARG C 20 17.86 -8.05 12.35
C ARG C 20 18.00 -7.83 13.84
N LEU C 21 16.98 -7.24 14.46
CA LEU C 21 16.93 -7.14 15.90
C LEU C 21 16.23 -8.36 16.48
N SER C 22 16.65 -8.76 17.67
CA SER C 22 15.95 -9.81 18.40
C SER C 22 15.82 -9.37 19.85
N CYS C 23 14.83 -9.95 20.52
CA CYS C 23 14.64 -9.66 21.93
C CYS C 23 14.30 -10.97 22.61
N ALA C 24 15.18 -11.40 23.52
CA ALA C 24 14.93 -12.56 24.36
C ALA C 24 14.19 -12.10 25.61
N ALA C 25 13.08 -12.76 25.89
CA ALA C 25 12.26 -12.47 27.06
C ALA C 25 12.56 -13.49 28.15
N SER C 26 12.90 -13.01 29.35
CA SER C 26 13.25 -13.86 30.48
C SER C 26 12.21 -13.72 31.61
N GLY C 27 12.46 -14.44 32.70
CA GLY C 27 11.59 -14.52 33.85
C GLY C 27 10.52 -15.58 33.67
N ARG C 28 10.16 -16.23 34.77
CA ARG C 28 9.14 -17.27 34.63
C ARG C 28 7.75 -16.67 34.46
N THR C 29 7.56 -15.42 34.88
CA THR C 29 6.36 -14.69 34.49
C THR C 29 6.27 -14.63 32.97
N PHE C 30 5.26 -15.27 32.40
CA PHE C 30 5.05 -15.22 30.95
C PHE C 30 3.64 -15.59 30.54
N SER C 31 2.68 -14.70 30.78
CA SER C 31 1.43 -14.72 30.03
C SER C 31 1.49 -13.52 29.08
N THR C 32 2.16 -13.73 27.95
CA THR C 32 2.38 -12.70 26.93
C THR C 32 1.33 -12.82 25.84
N TYR C 33 0.65 -11.71 25.56
CA TYR C 33 -0.36 -11.67 24.49
C TYR C 33 0.11 -10.96 23.25
N ALA C 34 1.21 -10.22 23.31
CA ALA C 34 1.65 -9.38 22.20
C ALA C 34 3.05 -8.93 22.51
N MET C 35 3.87 -8.81 21.48
CA MET C 35 5.18 -8.20 21.60
C MET C 35 5.31 -7.16 20.52
N GLY C 36 5.94 -6.04 20.85
CA GLY C 36 6.01 -4.92 19.94
C GLY C 36 7.40 -4.32 19.91
N TRP C 37 7.67 -3.58 18.85
CA TRP C 37 8.91 -2.84 18.69
C TRP C 37 8.55 -1.37 18.58
N PHE C 38 9.26 -0.55 19.34
CA PHE C 38 9.13 0.90 19.32
C PHE C 38 10.50 1.48 19.07
N ARG C 39 10.55 2.77 18.72
CA ARG C 39 11.85 3.40 18.58
C ARG C 39 11.76 4.84 19.08
N GLN C 40 12.93 5.36 19.45
CA GLN C 40 13.02 6.72 19.97
C GLN C 40 14.35 7.29 19.53
N ALA C 41 14.30 8.33 18.77
CA ALA C 41 15.48 9.07 18.36
C ALA C 41 15.62 10.29 19.24
N PRO C 42 16.82 10.86 19.32
CA PRO C 42 17.01 12.08 20.13
C PRO C 42 16.07 13.20 19.65
N GLY C 43 15.54 13.95 20.61
CA GLY C 43 14.69 15.08 20.33
C GLY C 43 13.27 14.72 19.94
N LYS C 44 12.91 13.44 19.96
CA LYS C 44 11.61 12.96 19.54
C LYS C 44 11.03 12.02 20.60
N GLU C 45 9.71 11.90 20.59
CA GLU C 45 9.08 10.95 21.49
C GLU C 45 9.19 9.53 20.92
N ARG C 46 9.00 8.58 21.82
CA ARG C 46 8.99 7.18 21.43
C ARG C 46 7.80 6.91 20.52
N GLU C 47 8.02 6.10 19.49
CA GLU C 47 6.98 5.87 18.50
C GLU C 47 6.87 4.40 18.15
N PHE C 48 5.67 4.01 17.72
CA PHE C 48 5.39 2.64 17.32
C PHE C 48 6.12 2.27 16.04
N VAL C 49 6.61 1.03 16.00
CA VAL C 49 7.22 0.46 14.80
C VAL C 49 6.47 -0.76 14.32
N SER C 50 6.30 -1.77 15.18
CA SER C 50 5.71 -3.03 14.72
C SER C 50 5.25 -3.81 15.93
N ALA C 51 4.27 -4.68 15.73
CA ALA C 51 3.82 -5.56 16.81
C ALA C 51 3.17 -6.80 16.22
N CYS C 52 3.11 -7.86 17.01
CA CYS C 52 2.37 -9.03 16.58
C CYS C 52 1.66 -9.62 17.79
N SER C 53 0.51 -10.21 17.54
CA SER C 53 -0.14 -11.01 18.58
C SER C 53 0.72 -12.23 18.85
N TRP C 54 0.65 -12.71 20.10
CA TRP C 54 1.50 -13.83 20.47
C TRP C 54 0.95 -15.15 19.96
N SER C 55 -0.36 -15.26 19.79
CA SER C 55 -0.96 -16.51 19.34
C SER C 55 -1.56 -16.40 17.95
N GLY C 56 -2.35 -15.37 17.66
CA GLY C 56 -2.95 -15.26 16.35
C GLY C 56 -1.97 -14.94 15.24
N GLY C 57 -2.47 -14.45 14.12
CA GLY C 57 -1.58 -14.00 13.08
C GLY C 57 -1.60 -12.49 12.91
N ILE C 58 -2.03 -11.76 13.94
CA ILE C 58 -2.20 -10.32 13.77
C ILE C 58 -0.85 -9.64 13.75
N THR C 59 -0.62 -8.76 12.76
CA THR C 59 0.57 -7.93 12.70
C THR C 59 0.18 -6.49 12.42
N ARG C 60 0.96 -5.56 12.96
CA ARG C 60 0.76 -4.13 12.73
C ARG C 60 2.11 -3.46 12.50
N TYR C 61 2.16 -2.50 11.58
CA TYR C 61 3.39 -1.78 11.29
C TYR C 61 3.07 -0.29 11.22
N ALA C 62 4.01 0.54 11.67
CA ALA C 62 3.92 1.96 11.34
C ALA C 62 3.95 2.14 9.83
N ASP C 63 3.21 3.15 9.35
CA ASP C 63 3.15 3.39 7.91
C ASP C 63 4.54 3.50 7.29
N SER C 64 5.46 4.17 7.99
CA SER C 64 6.79 4.44 7.44
C SER C 64 7.67 3.20 7.26
N VAL C 65 7.33 2.06 7.89
CA VAL C 65 8.15 0.86 7.76
C VAL C 65 7.44 -0.29 7.06
N LYS C 66 6.14 -0.18 6.77
CA LYS C 66 5.42 -1.23 6.05
C LYS C 66 6.21 -1.74 4.84
N GLY C 67 6.22 -3.06 4.66
CA GLY C 67 6.90 -3.68 3.53
C GLY C 67 8.41 -3.72 3.62
N ARG C 68 9.03 -2.89 4.45
CA ARG C 68 10.46 -2.93 4.70
C ARG C 68 10.81 -3.75 5.94
N PHE C 69 9.96 -3.73 6.94
CA PHE C 69 10.20 -4.37 8.23
C PHE C 69 9.26 -5.56 8.37
N THR C 70 9.72 -6.61 9.05
CA THR C 70 8.92 -7.80 9.28
C THR C 70 9.16 -8.29 10.70
N ILE C 71 8.11 -8.36 11.49
CA ILE C 71 8.19 -8.89 12.84
C ILE C 71 7.85 -10.37 12.81
N SER C 72 8.50 -11.14 13.69
CA SER C 72 8.20 -12.56 13.79
C SER C 72 8.61 -13.03 15.18
N ARG C 73 8.13 -14.21 15.54
CA ARG C 73 8.30 -14.70 16.91
C ARG C 73 8.66 -16.16 16.89
N ASP C 74 9.53 -16.55 17.82
CA ASP C 74 9.82 -17.95 18.12
C ASP C 74 9.32 -18.17 19.54
N ASN C 75 8.07 -18.65 19.65
CA ASN C 75 7.46 -18.81 20.98
C ASN C 75 8.18 -19.88 21.80
N ALA C 76 8.75 -20.89 21.13
CA ALA C 76 9.52 -21.90 21.84
C ALA C 76 10.71 -21.27 22.57
N LYS C 77 11.33 -20.26 21.96
CA LYS C 77 12.44 -19.55 22.58
C LYS C 77 12.00 -18.27 23.29
N ASN C 78 10.69 -18.00 23.36
CA ASN C 78 10.16 -16.74 23.86
C ASN C 78 10.98 -15.56 23.35
N THR C 79 11.16 -15.56 22.03
CA THR C 79 11.94 -14.55 21.32
C THR C 79 11.08 -13.92 20.24
N VAL C 80 11.23 -12.61 20.07
CA VAL C 80 10.64 -11.89 18.95
C VAL C 80 11.78 -11.26 18.15
N TYR C 81 11.56 -11.13 16.84
CA TYR C 81 12.57 -10.61 15.92
C TYR C 81 11.96 -9.47 15.11
N LEU C 82 12.82 -8.55 14.67
CA LEU C 82 12.41 -7.50 13.73
C LEU C 82 13.43 -7.48 12.59
N GLN C 83 13.05 -7.99 11.42
CA GLN C 83 13.90 -7.90 10.25
C GLN C 83 13.71 -6.53 9.61
N MET C 84 14.76 -5.71 9.60
CA MET C 84 14.69 -4.35 9.04
C MET C 84 15.47 -4.33 7.74
N ASN C 85 14.76 -4.15 6.63
CA ASN C 85 15.35 -4.09 5.30
C ASN C 85 15.22 -2.69 4.71
N SER C 86 16.05 -2.42 3.71
CA SER C 86 16.08 -1.14 2.99
C SER C 86 16.09 0.03 3.97
N LEU C 87 17.05 0.00 4.89
CA LEU C 87 17.11 0.97 5.95
C LEU C 87 17.47 2.37 5.43
N LYS C 88 16.99 3.39 6.12
CA LYS C 88 17.14 4.78 5.74
C LYS C 88 17.68 5.58 6.92
N PRO C 89 18.31 6.72 6.66
CA PRO C 89 18.74 7.58 7.78
C PRO C 89 17.61 7.89 8.76
N GLU C 90 16.38 8.08 8.28
CA GLU C 90 15.24 8.29 9.16
C GLU C 90 14.98 7.13 10.12
N ASP C 91 15.58 5.97 9.91
CA ASP C 91 15.37 4.83 10.80
C ASP C 91 16.33 4.82 11.98
N THR C 92 17.30 5.73 12.01
CA THR C 92 18.23 5.80 13.13
C THR C 92 17.48 6.13 14.41
N ALA C 93 17.66 5.28 15.43
CA ALA C 93 16.99 5.49 16.70
C ALA C 93 17.47 4.42 17.68
N VAL C 94 17.04 4.56 18.93
CA VAL C 94 17.11 3.43 19.86
C VAL C 94 15.82 2.64 19.70
N TYR C 95 15.96 1.34 19.49
CA TYR C 95 14.82 0.47 19.30
C TYR C 95 14.54 -0.29 20.59
N TYR C 96 13.30 -0.28 21.00
CA TYR C 96 12.89 -0.89 22.26
C TYR C 96 11.87 -1.97 21.95
N CYS C 97 12.00 -3.08 22.63
CA CYS C 97 11.01 -4.14 22.53
C CYS C 97 10.13 -4.10 23.77
N ALA C 98 8.87 -4.46 23.61
CA ALA C 98 7.93 -4.40 24.71
C ALA C 98 6.96 -5.56 24.64
N SER C 99 6.38 -5.90 25.78
CA SER C 99 5.51 -7.06 25.90
C SER C 99 4.21 -6.65 26.58
N ALA C 100 3.10 -7.16 26.09
CA ALA C 100 1.79 -6.88 26.66
C ALA C 100 1.30 -8.09 27.44
N ALA C 101 0.92 -7.87 28.71
CA ALA C 101 0.46 -8.94 29.59
C ALA C 101 -1.05 -9.15 29.53
N SER C 102 -1.78 -8.35 28.75
CA SER C 102 -3.22 -8.51 28.64
C SER C 102 -3.59 -8.60 27.16
N SER C 103 -4.78 -9.14 26.88
CA SER C 103 -5.25 -9.31 25.52
C SER C 103 -5.75 -8.00 24.93
N ALA C 104 -5.57 -7.82 23.62
CA ALA C 104 -6.10 -6.66 22.92
C ALA C 104 -7.59 -6.87 22.63
N ALA C 105 -8.44 -6.00 23.20
CA ALA C 105 -9.87 -6.13 22.94
C ALA C 105 -10.23 -5.73 21.50
N TYR C 106 -9.39 -4.94 20.83
CA TYR C 106 -9.54 -4.63 19.40
C TYR C 106 -8.16 -4.54 18.78
N SER C 107 -8.08 -4.69 17.45
CA SER C 107 -6.77 -4.83 16.80
C SER C 107 -6.01 -3.51 16.70
N GLY C 108 -6.61 -2.40 17.08
CA GLY C 108 -5.84 -1.17 17.15
C GLY C 108 -5.03 -1.01 18.41
N ALA C 109 -5.26 -1.84 19.43
CA ALA C 109 -4.55 -1.65 20.69
C ALA C 109 -3.05 -1.73 20.51
N TYR C 110 -2.59 -2.50 19.51
CA TYR C 110 -1.18 -2.84 19.36
C TYR C 110 -0.30 -1.63 19.15
N TYR C 111 -0.87 -0.53 18.64
CA TYR C 111 -0.11 0.67 18.36
C TYR C 111 0.36 1.44 19.59
N TYR C 112 -0.32 1.31 20.73
CA TYR C 112 -0.18 2.27 21.83
C TYR C 112 0.89 1.84 22.82
N THR C 113 1.82 2.78 23.12
CA THR C 113 2.82 2.47 24.15
C THR C 113 2.15 2.02 25.44
N SER C 114 0.98 2.60 25.77
CA SER C 114 0.31 2.28 27.03
C SER C 114 -0.17 0.83 27.08
N TYR C 115 -0.35 0.18 25.93
CA TYR C 115 -0.82 -1.20 25.92
C TYR C 115 0.22 -2.17 26.47
N TYR C 116 1.50 -1.81 26.40
CA TYR C 116 2.58 -2.74 26.75
C TYR C 116 3.00 -2.54 28.21
N ASP C 117 3.24 -3.66 28.89
CA ASP C 117 3.49 -3.63 30.32
C ASP C 117 4.96 -3.78 30.69
N TYR C 118 5.76 -4.42 29.84
CA TYR C 118 7.17 -4.62 30.12
C TYR C 118 8.01 -4.12 28.96
N TRP C 119 9.16 -3.54 29.26
CA TRP C 119 9.97 -2.86 28.26
C TRP C 119 11.43 -3.28 28.38
N GLY C 120 12.10 -3.39 27.24
CA GLY C 120 13.54 -3.49 27.29
C GLY C 120 14.20 -2.15 27.48
N GLN C 121 15.52 -2.18 27.60
CA GLN C 121 16.30 -0.96 27.77
C GLN C 121 16.72 -0.33 26.45
N GLY C 122 16.63 -1.08 25.35
CA GLY C 122 16.84 -0.51 24.03
C GLY C 122 18.20 -0.85 23.45
N THR C 123 18.27 -0.82 22.12
CA THR C 123 19.54 -0.99 21.44
C THR C 123 19.60 0.00 20.29
N GLN C 124 20.76 0.64 20.13
CA GLN C 124 20.94 1.70 19.15
C GLN C 124 21.08 1.13 17.75
N VAL C 125 20.29 1.66 16.81
CA VAL C 125 20.49 1.41 15.39
C VAL C 125 20.83 2.73 14.72
N THR C 126 21.92 2.73 13.93
CA THR C 126 22.37 3.94 13.25
C THR C 126 22.56 3.60 11.77
N VAL C 127 21.87 4.34 10.90
CA VAL C 127 21.93 4.12 9.46
C VAL C 127 22.75 5.23 8.84
N SER C 128 23.85 4.86 8.18
CA SER C 128 24.69 5.81 7.47
C SER C 128 24.10 6.15 6.11
N SER C 129 24.36 7.37 5.67
CA SER C 129 23.86 7.85 4.38
C SER C 129 24.56 7.16 3.23
N GLY D 1 -25.29 -17.57 -7.06
CA GLY D 1 -24.47 -16.47 -7.48
C GLY D 1 -23.64 -15.89 -6.36
N SER D 2 -22.87 -14.83 -6.67
CA SER D 2 -22.15 -14.08 -5.67
C SER D 2 -22.85 -12.74 -5.43
N HIS D 3 -22.46 -12.07 -4.36
CA HIS D 3 -23.16 -10.88 -3.92
C HIS D 3 -23.01 -9.74 -4.92
N PRO D 4 -24.09 -9.05 -5.27
CA PRO D 4 -23.98 -7.93 -6.23
C PRO D 4 -23.04 -6.83 -5.79
N ALA D 5 -22.74 -6.71 -4.49
CA ALA D 5 -21.81 -5.72 -4.02
C ALA D 5 -20.39 -6.26 -3.89
N GLY D 6 -20.16 -7.51 -4.28
CA GLY D 6 -18.87 -8.14 -4.06
C GLY D 6 -18.56 -8.49 -2.62
N ILE D 7 -19.49 -8.25 -1.69
CA ILE D 7 -19.25 -8.51 -0.27
C ILE D 7 -19.25 -10.01 -0.01
N ILE D 8 -18.30 -10.47 0.80
CA ILE D 8 -18.15 -11.88 1.11
C ILE D 8 -18.39 -12.05 2.60
N LEU D 9 -19.47 -12.74 2.96
CA LEU D 9 -19.76 -13.06 4.37
C LEU D 9 -20.58 -14.33 4.36
N THR D 10 -19.92 -15.44 4.66
CA THR D 10 -20.53 -16.76 4.61
C THR D 10 -20.64 -17.44 5.96
N ARG D 11 -20.05 -16.87 7.01
CA ARG D 11 -20.13 -17.49 8.33
C ARG D 11 -21.48 -17.15 8.94
N ASP D 12 -22.30 -18.17 9.15
CA ASP D 12 -23.49 -17.92 9.96
C ASP D 12 -23.06 -17.61 11.38
N SER D 13 -23.98 -16.98 12.12
CA SER D 13 -23.76 -16.30 13.39
C SER D 13 -23.30 -14.87 13.13
N TYR D 14 -22.70 -14.60 11.97
CA TYR D 14 -22.40 -13.22 11.60
C TYR D 14 -23.57 -12.61 10.84
N TYR D 15 -23.71 -11.29 10.97
CA TYR D 15 -24.77 -10.55 10.31
C TYR D 15 -24.29 -9.13 10.08
N THR D 16 -25.01 -8.41 9.23
CA THR D 16 -24.74 -7.00 8.99
C THR D 16 -26.03 -6.19 9.12
N ILE D 17 -25.86 -4.89 9.37
CA ILE D 17 -26.92 -3.91 9.28
C ILE D 17 -26.40 -2.79 8.39
N PRO D 18 -26.97 -2.52 7.22
CA PRO D 18 -28.09 -3.24 6.61
C PRO D 18 -27.76 -4.71 6.37
N SER D 19 -28.79 -5.54 6.36
CA SER D 19 -28.62 -6.96 6.13
C SER D 19 -27.96 -7.21 4.77
N MET D 20 -27.29 -8.37 4.66
CA MET D 20 -26.63 -8.72 3.41
C MET D 20 -27.62 -8.72 2.25
N GLU D 21 -28.85 -9.18 2.49
CA GLU D 21 -29.88 -9.12 1.46
C GLU D 21 -30.15 -7.68 1.04
N GLU D 22 -30.30 -6.80 2.02
CA GLU D 22 -30.54 -5.39 1.73
C GLU D 22 -29.35 -4.75 1.01
N LEU D 23 -28.13 -5.13 1.39
CA LEU D 23 -26.95 -4.58 0.75
C LEU D 23 -26.87 -4.97 -0.71
N ALA D 24 -27.37 -6.16 -1.06
CA ALA D 24 -27.43 -6.57 -2.46
C ALA D 24 -28.34 -5.66 -3.28
N ARG D 25 -29.27 -4.97 -2.64
CA ARG D 25 -30.16 -4.02 -3.30
C ARG D 25 -29.67 -2.58 -3.18
N SER D 26 -28.48 -2.37 -2.61
CA SER D 26 -27.94 -1.04 -2.32
C SER D 26 -26.69 -0.75 -3.14
N VAL D 27 -26.72 -1.12 -4.42
CA VAL D 27 -25.58 -0.97 -5.33
C VAL D 27 -25.93 0.12 -6.32
N ASP D 28 -25.01 1.06 -6.57
CA ASP D 28 -25.32 2.16 -7.46
C ASP D 28 -25.05 1.77 -8.91
N GLU D 29 -25.24 2.72 -9.83
CA GLU D 29 -25.13 2.40 -11.24
C GLU D 29 -23.73 1.94 -11.63
N ASN D 30 -22.73 2.24 -10.81
CA ASN D 30 -21.35 1.90 -11.13
C ASN D 30 -20.85 0.70 -10.35
N GLY D 31 -21.75 0.02 -9.64
CA GLY D 31 -21.38 -1.12 -8.84
C GLY D 31 -20.90 -0.83 -7.44
N GLU D 32 -20.98 0.42 -6.97
CA GLU D 32 -20.53 0.77 -5.62
C GLU D 32 -21.65 0.59 -4.61
N CYS D 33 -21.32 -0.03 -3.48
CA CYS D 33 -22.27 -0.23 -2.40
C CYS D 33 -21.88 0.71 -1.27
N ILE D 34 -22.71 1.73 -1.04
CA ILE D 34 -22.37 2.81 -0.12
C ILE D 34 -23.53 2.98 0.84
N VAL D 35 -23.24 2.93 2.14
CA VAL D 35 -24.31 3.06 3.14
C VAL D 35 -23.93 4.14 4.14
N ASN D 36 -24.95 4.64 4.82
CA ASN D 36 -24.79 5.61 5.89
C ASN D 36 -25.02 4.85 7.19
N GLY D 37 -23.93 4.41 7.82
CA GLY D 37 -23.99 3.57 9.00
C GLY D 37 -23.87 2.10 8.64
N PHE D 38 -22.88 1.41 9.19
CA PHE D 38 -22.68 0.00 8.88
C PHE D 38 -22.38 -0.74 10.18
N THR D 39 -23.08 -1.85 10.39
CA THR D 39 -22.82 -2.73 11.52
C THR D 39 -22.47 -4.12 11.02
N ILE D 40 -21.44 -4.73 11.60
CA ILE D 40 -21.21 -6.17 11.47
C ILE D 40 -21.12 -6.75 12.86
N GLY D 41 -21.88 -7.83 13.09
CA GLY D 41 -21.94 -8.45 14.40
C GLY D 41 -21.87 -9.96 14.29
N ARG D 42 -21.68 -10.58 15.43
CA ARG D 42 -21.70 -12.03 15.56
C ARG D 42 -22.51 -12.32 16.82
N GLU D 43 -23.67 -12.94 16.65
CA GLU D 43 -24.58 -13.06 17.77
C GLU D 43 -23.95 -13.89 18.88
N GLY D 44 -24.16 -13.45 20.12
CA GLY D 44 -23.53 -14.07 21.27
C GLY D 44 -22.13 -13.58 21.57
N PHE D 45 -21.54 -12.75 20.71
CA PHE D 45 -20.15 -12.36 20.87
C PHE D 45 -19.97 -10.85 20.84
N GLY D 46 -20.58 -10.16 19.89
CA GLY D 46 -20.48 -8.72 19.88
C GLY D 46 -20.83 -8.13 18.53
N SER D 47 -20.50 -6.85 18.38
CA SER D 47 -20.80 -6.17 17.13
C SER D 47 -19.92 -4.93 17.03
N ILE D 48 -19.86 -4.38 15.81
CA ILE D 48 -19.03 -3.22 15.52
C ILE D 48 -19.87 -2.28 14.66
N TYR D 49 -20.11 -1.07 15.15
CA TYR D 49 -20.91 -0.08 14.44
C TYR D 49 -20.00 1.01 13.89
N PHE D 50 -20.03 1.20 12.58
CA PHE D 50 -19.22 2.19 11.86
C PHE D 50 -20.14 3.33 11.45
N GLU D 51 -19.99 4.48 12.10
CA GLU D 51 -20.80 5.65 11.77
C GLU D 51 -20.38 6.26 10.44
N GLY D 52 -21.32 6.92 9.78
CA GLY D 52 -20.95 7.72 8.63
C GLY D 52 -21.04 6.97 7.32
N ILE D 53 -20.58 7.63 6.26
CA ILE D 53 -20.66 7.07 4.92
C ILE D 53 -19.56 6.04 4.73
N VAL D 54 -19.95 4.79 4.45
CA VAL D 54 -19.02 3.68 4.31
C VAL D 54 -19.18 3.03 2.94
N ASN D 55 -18.07 2.82 2.25
CA ASN D 55 -18.07 2.08 0.99
C ASN D 55 -17.71 0.63 1.29
N LEU D 56 -18.64 -0.28 1.01
CA LEU D 56 -18.49 -1.69 1.33
C LEU D 56 -18.12 -2.54 0.11
N THR D 57 -17.99 -1.93 -1.06
CA THR D 57 -17.82 -2.70 -2.29
C THR D 57 -16.65 -3.68 -2.18
N ASN D 58 -16.91 -4.93 -2.56
CA ASN D 58 -15.90 -5.98 -2.64
C ASN D 58 -15.24 -6.31 -1.29
N LEU D 59 -15.84 -5.94 -0.16
CA LEU D 59 -15.22 -6.26 1.12
C LEU D 59 -15.34 -7.75 1.42
N ASP D 60 -14.21 -8.42 1.59
CA ASP D 60 -14.19 -9.81 2.08
C ASP D 60 -14.29 -9.78 3.61
N LEU D 61 -15.53 -9.69 4.09
CA LEU D 61 -15.77 -9.61 5.53
C LEU D 61 -15.35 -10.89 6.25
N ASP D 62 -15.44 -12.04 5.57
CA ASP D 62 -14.99 -13.29 6.18
C ASP D 62 -13.51 -13.23 6.54
N SER D 63 -12.71 -12.56 5.72
CA SER D 63 -11.27 -12.44 5.97
C SER D 63 -10.94 -11.31 6.92
N ILE D 64 -11.70 -10.22 6.86
CA ILE D 64 -11.33 -9.00 7.56
C ILE D 64 -11.78 -9.02 9.01
N VAL D 65 -13.02 -9.41 9.26
CA VAL D 65 -13.68 -9.16 10.55
C VAL D 65 -13.77 -10.47 11.33
N HIS D 66 -13.34 -10.43 12.59
CA HIS D 66 -13.42 -11.57 13.49
C HIS D 66 -13.86 -11.06 14.85
N ILE D 67 -15.02 -11.54 15.29
CA ILE D 67 -15.57 -11.15 16.57
C ILE D 67 -15.59 -12.41 17.43
N ARG D 68 -14.80 -12.42 18.50
CA ARG D 68 -14.68 -13.55 19.40
C ARG D 68 -14.87 -13.04 20.84
N ARG D 69 -14.77 -13.96 21.81
CA ARG D 69 -15.02 -13.57 23.19
C ARG D 69 -14.00 -12.50 23.64
N LYS D 70 -14.53 -11.33 24.00
CA LYS D 70 -13.72 -10.22 24.53
C LYS D 70 -12.70 -9.71 23.51
N GLU D 71 -12.95 -9.91 22.22
CA GLU D 71 -11.95 -9.59 21.21
C GLU D 71 -12.63 -9.33 19.86
N VAL D 72 -12.29 -8.21 19.21
CA VAL D 72 -12.56 -8.04 17.79
C VAL D 72 -11.23 -7.83 17.08
N ILE D 73 -11.17 -8.35 15.84
CA ILE D 73 -10.04 -8.15 14.95
C ILE D 73 -10.60 -7.63 13.62
N VAL D 74 -10.10 -6.49 13.16
CA VAL D 74 -10.48 -5.93 11.85
C VAL D 74 -9.19 -5.78 11.06
N TYR D 75 -9.01 -6.65 10.07
CA TYR D 75 -7.78 -6.87 9.30
C TYR D 75 -6.78 -7.67 10.15
N VAL D 76 -6.42 -8.88 9.72
CA VAL D 76 -5.52 -9.72 10.49
C VAL D 76 -4.09 -9.32 10.18
N ASP D 77 -3.67 -9.55 8.95
CA ASP D 77 -2.34 -9.15 8.51
C ASP D 77 -2.36 -7.66 8.15
N ASP D 78 -1.30 -6.95 8.57
CA ASP D 78 -1.22 -5.52 8.36
C ASP D 78 -1.35 -5.14 6.87
N GLN D 79 -0.77 -5.95 5.98
CA GLN D 79 -0.69 -5.53 4.59
C GLN D 79 -2.05 -5.43 3.92
N ASN D 80 -3.07 -6.07 4.47
CA ASN D 80 -4.43 -5.96 3.94
C ASN D 80 -5.21 -4.78 4.51
N LYS D 81 -4.65 -4.02 5.46
CA LYS D 81 -5.36 -2.91 6.06
C LYS D 81 -5.16 -1.66 5.22
N PRO D 82 -6.22 -1.04 4.72
CA PRO D 82 -6.07 0.15 3.86
C PRO D 82 -5.75 1.37 4.71
N PRO D 83 -5.49 2.53 4.10
CA PRO D 83 -5.19 3.74 4.91
C PRO D 83 -6.33 4.11 5.85
N LEU D 84 -5.98 4.87 6.88
CA LEU D 84 -6.95 5.35 7.85
C LEU D 84 -8.14 6.02 7.18
N GLY D 85 -9.35 5.66 7.61
CA GLY D 85 -10.55 6.22 7.03
C GLY D 85 -11.12 5.45 5.85
N GLU D 86 -10.37 4.52 5.28
CA GLU D 86 -10.82 3.71 4.15
C GLU D 86 -11.22 2.31 4.62
N GLY D 87 -12.10 1.68 3.86
CA GLY D 87 -12.56 0.35 4.25
C GLY D 87 -13.15 0.37 5.65
N LEU D 88 -12.78 -0.64 6.45
CA LEU D 88 -13.20 -0.68 7.85
C LEU D 88 -12.12 -0.20 8.80
N ASN D 89 -11.06 0.42 8.28
CA ASN D 89 -10.02 0.97 9.15
C ASN D 89 -10.37 2.42 9.49
N ARG D 90 -11.33 2.57 10.39
CA ARG D 90 -11.94 3.86 10.62
C ARG D 90 -12.66 3.82 11.96
N PRO D 91 -13.09 4.98 12.49
CA PRO D 91 -13.73 4.97 13.82
C PRO D 91 -14.93 4.06 13.87
N ALA D 92 -15.12 3.40 15.02
CA ALA D 92 -16.22 2.49 15.19
C ALA D 92 -16.51 2.36 16.67
N GLN D 93 -17.75 1.99 16.97
CA GLN D 93 -18.12 1.61 18.33
C GLN D 93 -18.13 0.10 18.42
N VAL D 94 -17.30 -0.44 19.32
CA VAL D 94 -17.20 -1.89 19.54
C VAL D 94 -18.05 -2.25 20.75
N THR D 95 -18.92 -3.25 20.59
CA THR D 95 -19.68 -3.83 21.69
C THR D 95 -19.27 -5.29 21.82
N LEU D 96 -18.80 -5.68 23.00
CA LEU D 96 -18.41 -7.07 23.25
C LEU D 96 -19.31 -7.60 24.35
N ASP D 97 -19.97 -8.73 24.07
CA ASP D 97 -20.98 -9.28 24.96
C ASP D 97 -20.42 -10.43 25.79
N GLU D 98 -21.09 -10.68 26.92
CA GLU D 98 -20.72 -11.76 27.85
C GLU D 98 -19.27 -11.60 28.33
N VAL D 99 -18.88 -10.34 28.55
CA VAL D 99 -17.58 -10.01 29.10
C VAL D 99 -17.74 -10.07 30.62
N TRP D 100 -17.48 -11.25 31.19
CA TRP D 100 -17.64 -11.49 32.62
C TRP D 100 -16.36 -12.16 33.15
N PRO D 101 -15.89 -11.75 34.32
CA PRO D 101 -14.66 -12.34 34.84
C PRO D 101 -14.95 -13.74 35.38
N ILE D 102 -13.94 -14.60 35.28
CA ILE D 102 -14.03 -15.99 35.72
C ILE D 102 -13.12 -16.17 36.93
N ASP D 103 -13.64 -16.81 37.96
CA ASP D 103 -12.83 -17.12 39.13
C ASP D 103 -11.95 -18.31 38.78
N LYS D 104 -10.63 -18.13 38.84
CA LYS D 104 -9.73 -19.16 38.32
C LYS D 104 -9.66 -20.40 39.20
N THR D 105 -10.09 -20.30 40.45
CA THR D 105 -10.06 -21.46 41.33
C THR D 105 -11.34 -22.29 41.23
N SER D 106 -12.49 -21.63 41.38
CA SER D 106 -13.76 -22.34 41.30
C SER D 106 -14.26 -22.52 39.88
N ARG D 107 -13.72 -21.75 38.93
CA ARG D 107 -14.18 -21.71 37.54
C ARG D 107 -15.59 -21.13 37.41
N CYS D 108 -16.05 -20.48 38.47
CA CYS D 108 -17.33 -19.77 38.48
C CYS D 108 -17.20 -18.52 37.61
N MET D 109 -18.03 -18.40 36.58
CA MET D 109 -18.07 -17.17 35.78
C MET D 109 -18.98 -16.19 36.49
N ILE D 110 -18.43 -15.03 36.87
CA ILE D 110 -19.11 -14.09 37.75
C ILE D 110 -20.01 -13.18 36.92
N THR D 111 -21.33 -13.32 37.09
CA THR D 111 -22.27 -12.52 36.30
C THR D 111 -23.20 -11.69 37.16
N SER D 112 -23.13 -11.79 38.49
CA SER D 112 -23.99 -11.01 39.38
C SER D 112 -23.66 -9.53 39.26
N PRO D 113 -24.62 -8.66 38.96
CA PRO D 113 -24.33 -7.22 39.00
C PRO D 113 -23.82 -6.75 40.35
N GLU D 114 -24.34 -7.28 41.46
CA GLU D 114 -23.84 -6.84 42.76
C GLU D 114 -22.38 -7.25 42.96
N ARG D 115 -22.03 -8.49 42.58
CA ARG D 115 -20.64 -8.92 42.67
C ARG D 115 -19.73 -8.13 41.75
N LEU D 116 -20.18 -7.89 40.50
CA LEU D 116 -19.39 -7.08 39.59
C LEU D 116 -19.20 -5.68 40.14
N SER D 117 -20.19 -5.16 40.88
CA SER D 117 -20.03 -3.84 41.47
C SER D 117 -19.05 -3.91 42.65
N GLU D 118 -19.11 -4.99 43.44
CA GLU D 118 -18.18 -5.11 44.57
C GLU D 118 -16.75 -5.24 44.07
N MET D 119 -16.56 -5.78 42.87
CA MET D 119 -15.26 -5.89 42.23
C MET D 119 -14.84 -4.63 41.49
N ASN D 120 -15.74 -3.65 41.38
CA ASN D 120 -15.61 -2.54 40.42
C ASN D 120 -15.05 -3.05 39.08
N TYR D 121 -15.72 -4.06 38.53
CA TYR D 121 -15.34 -4.57 37.23
C TYR D 121 -15.46 -3.50 36.16
N LYS D 122 -16.49 -2.63 36.28
CA LYS D 122 -16.68 -1.57 35.29
C LYS D 122 -15.45 -0.69 35.18
N SER D 123 -14.86 -0.34 36.33
CA SER D 123 -13.69 0.52 36.30
C SER D 123 -12.49 -0.20 35.70
N LYS D 124 -12.42 -1.52 35.89
CA LYS D 124 -11.37 -2.33 35.27
C LYS D 124 -11.45 -2.30 33.74
N LEU D 125 -12.65 -2.45 33.19
CA LEU D 125 -12.81 -2.36 31.74
C LEU D 125 -12.54 -0.96 31.23
N GLU D 126 -13.00 0.06 31.95
CA GLU D 126 -12.67 1.43 31.59
C GLU D 126 -11.15 1.63 31.51
N ASN D 127 -10.43 1.16 32.52
CA ASN D 127 -8.97 1.27 32.51
C ASN D 127 -8.36 0.51 31.34
N ALA D 128 -8.90 -0.68 31.03
CA ALA D 128 -8.42 -1.40 29.86
C ALA D 128 -8.66 -0.60 28.58
N SER D 129 -9.83 0.03 28.46
CA SER D 129 -10.11 0.86 27.28
C SER D 129 -9.07 1.97 27.14
N ARG D 130 -8.79 2.70 28.23
CA ARG D 130 -7.84 3.82 28.15
C ARG D 130 -6.47 3.34 27.72
N LYS D 131 -6.06 2.22 28.29
CA LYS D 131 -4.74 1.66 28.04
C LYS D 131 -4.58 1.26 26.59
N GLN D 132 -5.67 0.87 25.95
CA GLN D 132 -5.61 0.33 24.60
C GLN D 132 -5.95 1.39 23.56
N GLY D 133 -6.04 2.65 23.96
CA GLY D 133 -6.24 3.75 23.01
C GLY D 133 -7.69 4.02 22.66
N ALA D 134 -8.61 3.37 23.35
CA ALA D 134 -10.04 3.45 23.09
C ALA D 134 -10.69 4.41 24.07
N GLN D 135 -11.97 4.70 23.82
CA GLN D 135 -12.79 5.56 24.67
C GLN D 135 -13.87 4.68 25.28
N PHE D 136 -13.79 4.45 26.58
CA PHE D 136 -14.81 3.65 27.25
C PHE D 136 -16.16 4.32 27.10
N VAL D 137 -17.19 3.53 26.83
CA VAL D 137 -18.55 4.04 26.73
C VAL D 137 -19.43 3.48 27.84
N ASP D 138 -19.44 2.17 28.02
CA ASP D 138 -20.36 1.60 28.98
C ASP D 138 -19.96 0.16 29.28
N TYR D 139 -20.49 -0.35 30.38
CA TYR D 139 -20.47 -1.77 30.68
C TYR D 139 -21.82 -2.12 31.27
N ARG D 140 -22.55 -3.02 30.61
CA ARG D 140 -23.85 -3.45 31.09
C ARG D 140 -23.71 -4.85 31.67
N PRO D 141 -23.72 -5.00 33.00
CA PRO D 141 -23.46 -6.31 33.60
C PRO D 141 -24.47 -7.38 33.25
N GLU D 142 -25.74 -7.01 33.05
CA GLU D 142 -26.79 -7.99 32.76
C GLU D 142 -26.44 -8.82 31.54
N SER D 143 -25.81 -8.22 30.54
CA SER D 143 -25.43 -8.93 29.33
C SER D 143 -23.93 -9.07 29.19
N GLY D 144 -23.17 -8.61 30.18
CA GLY D 144 -21.72 -8.51 30.06
C GLY D 144 -21.29 -7.67 28.88
N SER D 145 -21.99 -6.58 28.60
CA SER D 145 -21.76 -5.80 27.38
C SER D 145 -20.76 -4.69 27.64
N TRP D 146 -19.55 -4.85 27.10
CA TRP D 146 -18.50 -3.84 27.17
C TRP D 146 -18.56 -3.04 25.88
N VAL D 147 -18.85 -1.73 25.99
CA VAL D 147 -18.94 -0.84 24.82
C VAL D 147 -17.80 0.16 24.89
N PHE D 148 -17.06 0.30 23.78
CA PHE D 148 -16.01 1.31 23.72
C PHE D 148 -15.86 1.80 22.27
N LYS D 149 -15.42 3.03 22.12
CA LYS D 149 -15.22 3.62 20.80
C LYS D 149 -13.75 3.64 20.45
N VAL D 150 -13.45 3.31 19.20
CA VAL D 150 -12.10 3.30 18.68
C VAL D 150 -12.02 4.23 17.49
N ASN D 151 -10.81 4.72 17.22
CA ASN D 151 -10.60 5.61 16.09
C ASN D 151 -10.05 4.92 14.84
N HIS D 152 -9.72 3.63 14.92
CA HIS D 152 -9.01 2.89 13.86
C HIS D 152 -8.88 1.46 14.38
N PHE D 153 -8.39 0.57 13.52
CA PHE D 153 -8.13 -0.80 13.96
C PHE D 153 -6.68 -1.19 13.69
NA NA E . 21.35 1.14 -19.00
S SO4 F . 10.27 10.69 -34.26
O1 SO4 F . 9.57 11.92 -33.89
O2 SO4 F . 11.38 10.99 -35.15
O3 SO4 F . 10.80 10.03 -33.07
O4 SO4 F . 9.33 9.79 -34.93
S SO4 G . 23.39 -0.80 22.90
O1 SO4 G . 24.84 -0.81 23.04
O2 SO4 G . 22.79 -0.44 24.18
O3 SO4 G . 22.91 -2.12 22.50
O4 SO4 G . 23.01 0.17 21.88
NA NA H . -7.26 5.84 25.52
S SO4 I . -10.55 -10.32 34.31
O1 SO4 I . -10.83 -9.77 35.62
O2 SO4 I . -9.53 -9.50 33.66
O3 SO4 I . -11.76 -10.29 33.48
O4 SO4 I . -10.10 -11.70 34.42
#